data_3SY6
#
_entry.id   3SY6
#
_cell.length_a   40.409
_cell.length_b   120.462
_cell.length_c   53.492
_cell.angle_alpha   90.000
_cell.angle_beta   90.930
_cell.angle_gamma   90.000
#
_symmetry.space_group_name_H-M   'P 1 21 1'
#
loop_
_entity.id
_entity.type
_entity.pdbx_description
1 polymer 'Fimbrial protein BF1861'
2 non-polymer '2-[N-CYCLOHEXYLAMINO]ETHANE SULFONIC ACID'
3 water water
#
_entity_poly.entity_id   1
_entity_poly.type   'polypeptide(L)'
_entity_poly.pdbx_seq_one_letter_code
;GEQEDKVSGEKTLAVVSASSDDRPSTRGIINDNTYALGVFRTTANTYAPLYNVKHIYSGGEWGADDVIKVDYRNASFFAY
YPYHTATGNYAGLAGGTTLTLQAQLFNAGEDICYGAGEASGGGPVSVYNPFVEFLN(MSE)KHAYARLRLTLTRGEKFDK
TKKCNIQNITFKSNNANFYLTRSLDIASTAGATGGSAVAAGYVHNPNVNIATGKSVTYEY(MSE)FPPQPLDGSKLTILV
TVDGVTRSCDISTLGSSLDSGKYYGVSLTFTDVGIILSSAVVTVNNFGGQGNTQVDTEL
;
_entity_poly.pdbx_strand_id   A,B
#
# COMPACT_ATOMS: atom_id res chain seq x y z
N SER A 8 -54.24 -20.01 -15.39
CA SER A 8 -53.12 -20.20 -14.46
C SER A 8 -52.61 -18.86 -13.89
N GLY A 9 -52.51 -18.80 -12.56
CA GLY A 9 -52.02 -17.62 -11.85
C GLY A 9 -50.55 -17.61 -11.51
N GLU A 10 -49.79 -18.58 -12.03
CA GLU A 10 -48.35 -18.67 -11.73
C GLU A 10 -47.57 -18.98 -13.01
N LYS A 11 -46.26 -18.68 -13.00
CA LYS A 11 -45.35 -18.96 -14.12
C LYS A 11 -44.04 -19.52 -13.57
N THR A 12 -43.30 -20.28 -14.41
CA THR A 12 -42.00 -20.82 -13.98
C THR A 12 -40.97 -19.68 -13.99
N LEU A 13 -40.25 -19.48 -12.88
CA LEU A 13 -39.20 -18.49 -12.75
C LEU A 13 -38.03 -18.86 -13.64
N ALA A 14 -37.44 -17.88 -14.30
CA ALA A 14 -36.21 -18.09 -15.06
C ALA A 14 -35.12 -17.20 -14.46
N VAL A 15 -33.97 -17.82 -14.07
CA VAL A 15 -32.82 -17.09 -13.55
C VAL A 15 -32.00 -16.77 -14.80
N VAL A 16 -31.93 -15.49 -15.11
CA VAL A 16 -31.38 -15.00 -16.37
C VAL A 16 -29.85 -14.88 -16.35
N SER A 17 -29.31 -14.16 -15.38
CA SER A 17 -27.89 -13.87 -15.35
C SER A 17 -27.40 -13.65 -13.94
N ALA A 18 -26.11 -13.73 -13.78
CA ALA A 18 -25.46 -13.51 -12.50
C ALA A 18 -24.15 -12.81 -12.77
N SER A 19 -23.79 -11.83 -11.92
CA SER A 19 -22.59 -11.04 -12.13
C SER A 19 -22.06 -10.45 -10.81
N SER A 20 -20.78 -10.10 -10.82
CA SER A 20 -20.10 -9.47 -9.69
C SER A 20 -19.34 -8.27 -10.21
N ASP A 21 -19.53 -7.10 -9.55
CA ASP A 21 -18.94 -5.82 -9.99
C ASP A 21 -17.90 -5.26 -9.01
N ASP A 22 -17.81 -5.82 -7.79
CA ASP A 22 -16.83 -5.31 -6.82
C ASP A 22 -15.46 -5.88 -7.10
N ARG A 23 -14.41 -5.35 -6.43
CA ARG A 23 -13.02 -5.81 -6.50
C ARG A 23 -12.27 -5.40 -7.75
N PRO A 24 -10.93 -5.17 -7.62
CA PRO A 24 -10.10 -4.75 -8.78
C PRO A 24 -10.22 -5.62 -10.02
N SER A 25 -10.23 -6.95 -9.85
CA SER A 25 -10.47 -7.85 -10.98
C SER A 25 -11.90 -8.40 -10.83
N THR A 26 -12.84 -7.87 -11.66
CA THR A 26 -14.26 -8.24 -11.61
C THR A 26 -14.53 -9.56 -12.35
N ARG A 27 -15.54 -10.31 -11.87
CA ARG A 27 -16.02 -11.54 -12.51
C ARG A 27 -16.79 -11.18 -13.78
N GLY A 28 -17.37 -9.97 -13.80
CA GLY A 28 -18.22 -9.47 -14.86
C GLY A 28 -19.46 -10.34 -14.89
N ILE A 29 -20.09 -10.51 -16.06
CA ILE A 29 -21.25 -11.41 -16.18
C ILE A 29 -20.68 -12.85 -16.18
N ILE A 30 -21.16 -13.70 -15.26
CA ILE A 30 -20.66 -15.08 -15.14
C ILE A 30 -21.22 -15.89 -16.31
N ASN A 31 -20.33 -16.50 -17.09
CA ASN A 31 -20.73 -17.30 -18.25
C ASN A 31 -20.01 -18.68 -18.28
N ASP A 32 -19.44 -19.08 -17.13
CA ASP A 32 -18.71 -20.34 -16.95
C ASP A 32 -19.61 -21.41 -16.32
N ASN A 33 -19.32 -22.69 -16.62
CA ASN A 33 -20.02 -23.87 -16.10
C ASN A 33 -19.45 -24.34 -14.75
N THR A 34 -18.11 -24.21 -14.56
CA THR A 34 -17.26 -24.61 -13.42
C THR A 34 -18.04 -24.57 -12.10
N TYR A 35 -18.62 -23.39 -11.75
CA TYR A 35 -19.36 -23.30 -10.52
C TYR A 35 -20.87 -23.11 -10.74
N ALA A 36 -21.67 -23.57 -9.78
CA ALA A 36 -23.12 -23.41 -9.83
C ALA A 36 -23.51 -22.22 -8.97
N LEU A 37 -24.81 -21.85 -9.02
CA LEU A 37 -25.41 -20.74 -8.28
C LEU A 37 -26.44 -21.26 -7.30
N GLY A 38 -26.33 -20.83 -6.08
CA GLY A 38 -27.27 -21.29 -5.05
C GLY A 38 -28.35 -20.25 -4.92
N VAL A 39 -29.63 -20.64 -5.12
CA VAL A 39 -30.75 -19.67 -5.15
C VAL A 39 -31.69 -19.83 -3.96
N PHE A 40 -32.09 -18.70 -3.39
CA PHE A 40 -32.94 -18.67 -2.20
C PHE A 40 -34.13 -17.77 -2.39
N ARG A 41 -35.24 -18.08 -1.74
CA ARG A 41 -36.41 -17.22 -1.71
C ARG A 41 -36.78 -17.06 -0.26
N THR A 42 -36.97 -15.81 0.17
CA THR A 42 -37.35 -15.51 1.55
C THR A 42 -38.86 -15.54 1.70
N THR A 43 -39.36 -15.35 2.93
CA THR A 43 -40.80 -15.37 3.20
C THR A 43 -41.46 -14.00 2.92
N ALA A 44 -40.74 -13.05 2.30
CA ALA A 44 -41.29 -11.76 1.91
C ALA A 44 -42.54 -11.97 1.05
N ASN A 45 -43.63 -11.28 1.44
CA ASN A 45 -44.93 -11.28 0.79
C ASN A 45 -45.64 -12.64 0.88
N THR A 46 -45.34 -13.42 1.97
CA THR A 46 -45.95 -14.71 2.36
C THR A 46 -45.52 -15.90 1.48
N TYR A 47 -44.51 -15.73 0.58
CA TYR A 47 -43.99 -16.88 -0.17
C TYR A 47 -43.41 -17.92 0.77
N ALA A 48 -43.50 -19.19 0.39
CA ALA A 48 -42.85 -20.28 1.11
C ALA A 48 -41.35 -20.17 0.86
N PRO A 49 -40.49 -20.40 1.86
CA PRO A 49 -39.05 -20.19 1.63
C PRO A 49 -38.40 -21.27 0.76
N LEU A 50 -37.38 -20.87 0.00
CA LEU A 50 -36.58 -21.79 -0.82
C LEU A 50 -35.12 -21.64 -0.38
N TYR A 51 -34.40 -22.76 -0.19
CA TYR A 51 -33.01 -22.75 0.32
C TYR A 51 -32.02 -23.47 -0.58
N ASN A 52 -30.97 -22.76 -1.01
CA ASN A 52 -29.80 -23.32 -1.69
C ASN A 52 -30.16 -24.19 -2.90
N VAL A 53 -31.08 -23.67 -3.75
CA VAL A 53 -31.52 -24.39 -4.94
C VAL A 53 -30.40 -24.26 -5.98
N LYS A 54 -29.76 -25.37 -6.30
CA LYS A 54 -28.62 -25.42 -7.22
C LYS A 54 -29.04 -25.07 -8.66
N HIS A 55 -28.50 -23.95 -9.18
CA HIS A 55 -28.75 -23.51 -10.56
C HIS A 55 -27.45 -23.65 -11.33
N ILE A 56 -27.54 -24.21 -12.53
CA ILE A 56 -26.40 -24.49 -13.41
C ILE A 56 -26.55 -23.69 -14.71
N TYR A 57 -25.48 -22.96 -15.12
CA TYR A 57 -25.51 -22.14 -16.34
C TYR A 57 -25.55 -23.02 -17.59
N SER A 58 -26.71 -23.05 -18.25
CA SER A 58 -27.01 -23.82 -19.44
C SER A 58 -28.04 -23.08 -20.28
N GLY A 59 -27.73 -22.90 -21.57
CA GLY A 59 -28.59 -22.20 -22.53
C GLY A 59 -28.81 -20.73 -22.22
N GLY A 60 -27.72 -19.97 -22.02
CA GLY A 60 -27.72 -18.55 -21.70
C GLY A 60 -28.51 -18.12 -20.47
N GLU A 61 -28.89 -19.08 -19.61
CA GLU A 61 -29.61 -18.85 -18.35
C GLU A 61 -29.11 -19.82 -17.26
N TRP A 62 -29.60 -19.66 -16.03
CA TRP A 62 -29.23 -20.54 -14.92
C TRP A 62 -30.39 -21.49 -14.61
N GLY A 63 -30.25 -22.72 -15.10
CA GLY A 63 -31.27 -23.74 -14.96
C GLY A 63 -31.15 -24.56 -13.70
N ALA A 64 -32.30 -25.05 -13.21
CA ALA A 64 -32.39 -25.93 -12.04
C ALA A 64 -33.22 -27.16 -12.36
N ASP A 65 -32.89 -28.27 -11.69
CA ASP A 65 -33.63 -29.53 -11.74
C ASP A 65 -35.03 -29.27 -11.20
N ASP A 66 -35.11 -28.42 -10.18
CA ASP A 66 -36.38 -27.99 -9.57
C ASP A 66 -37.05 -26.88 -10.38
N VAL A 67 -38.35 -26.73 -10.13
CA VAL A 67 -39.16 -25.71 -10.75
C VAL A 67 -39.53 -24.73 -9.67
N ILE A 68 -39.32 -23.44 -9.90
CA ILE A 68 -39.71 -22.38 -8.96
C ILE A 68 -40.87 -21.64 -9.59
N LYS A 69 -41.92 -21.36 -8.85
CA LYS A 69 -43.07 -20.65 -9.38
C LYS A 69 -43.22 -19.31 -8.70
N VAL A 70 -43.69 -18.32 -9.46
CA VAL A 70 -43.99 -16.98 -8.98
C VAL A 70 -45.43 -16.69 -9.40
N ASP A 71 -46.26 -16.21 -8.45
CA ASP A 71 -47.65 -15.84 -8.73
C ASP A 71 -47.77 -14.32 -8.69
N TYR A 72 -48.96 -13.76 -8.37
CA TYR A 72 -49.17 -12.31 -8.31
C TYR A 72 -48.29 -11.65 -7.24
N ARG A 73 -47.86 -12.42 -6.23
CA ARG A 73 -47.04 -11.89 -5.15
C ARG A 73 -45.63 -11.60 -5.63
N ASN A 74 -45.09 -10.44 -5.21
CA ASN A 74 -43.73 -10.02 -5.56
C ASN A 74 -42.76 -10.84 -4.74
N ALA A 75 -41.86 -11.58 -5.41
CA ALA A 75 -40.92 -12.50 -4.72
C ALA A 75 -39.52 -11.91 -4.49
N SER A 76 -38.94 -12.24 -3.33
CA SER A 76 -37.59 -11.81 -2.96
C SER A 76 -36.62 -12.98 -3.07
N PHE A 77 -35.69 -12.89 -4.02
CA PHE A 77 -34.67 -13.91 -4.23
C PHE A 77 -33.29 -13.37 -3.89
N PHE A 78 -32.41 -14.28 -3.47
CA PHE A 78 -31.01 -14.03 -3.19
C PHE A 78 -30.23 -15.21 -3.76
N ALA A 79 -28.97 -14.98 -4.08
CA ALA A 79 -28.13 -16.04 -4.60
C ALA A 79 -26.70 -15.86 -4.10
N TYR A 80 -25.92 -16.93 -4.10
CA TYR A 80 -24.50 -16.83 -3.77
C TYR A 80 -23.76 -17.72 -4.76
N TYR A 81 -22.47 -17.46 -4.92
CA TYR A 81 -21.67 -18.17 -5.90
C TYR A 81 -20.23 -18.19 -5.45
N PRO A 82 -19.50 -19.31 -5.60
CA PRO A 82 -19.95 -20.64 -6.06
C PRO A 82 -20.84 -21.38 -5.07
N TYR A 83 -21.85 -22.09 -5.60
CA TYR A 83 -22.75 -22.96 -4.83
C TYR A 83 -21.93 -24.00 -4.06
N HIS A 84 -22.38 -24.35 -2.85
CA HIS A 84 -21.84 -25.42 -2.03
C HIS A 84 -22.97 -26.25 -1.52
N THR A 85 -22.72 -27.57 -1.29
CA THR A 85 -23.71 -28.42 -0.62
C THR A 85 -23.80 -27.85 0.79
N ALA A 86 -25.00 -27.82 1.37
CA ALA A 86 -25.17 -27.19 2.67
C ALA A 86 -24.58 -28.03 3.85
N THR A 87 -23.24 -28.16 3.90
CA THR A 87 -22.51 -28.87 4.96
C THR A 87 -21.27 -28.04 5.37
N GLY A 88 -20.74 -28.32 6.56
CA GLY A 88 -19.53 -27.66 7.07
C GLY A 88 -19.76 -26.18 7.28
N ASN A 89 -18.90 -25.33 6.67
CA ASN A 89 -19.07 -23.87 6.78
C ASN A 89 -20.36 -23.35 6.10
N TYR A 90 -21.03 -24.22 5.30
CA TYR A 90 -22.26 -23.90 4.54
C TYR A 90 -23.49 -24.60 5.15
N ALA A 91 -23.35 -25.19 6.36
CA ALA A 91 -24.43 -25.91 7.05
C ALA A 91 -25.66 -24.98 7.31
N GLY A 92 -25.42 -23.69 7.52
CA GLY A 92 -26.48 -22.73 7.79
C GLY A 92 -27.35 -22.43 6.58
N LEU A 93 -26.93 -22.84 5.37
CA LEU A 93 -27.72 -22.64 4.14
C LEU A 93 -28.70 -23.83 3.88
N ALA A 94 -28.67 -24.87 4.72
CA ALA A 94 -29.57 -26.03 4.56
C ALA A 94 -31.05 -25.62 4.72
N GLY A 95 -31.32 -24.80 5.74
CA GLY A 95 -32.65 -24.29 6.07
C GLY A 95 -32.60 -22.86 6.57
N GLY A 96 -31.64 -22.11 6.05
CA GLY A 96 -31.41 -20.70 6.37
C GLY A 96 -30.59 -20.00 5.31
N THR A 97 -30.14 -18.77 5.60
CA THR A 97 -29.36 -17.97 4.63
C THR A 97 -28.00 -17.52 5.20
N THR A 98 -27.49 -18.19 6.26
CA THR A 98 -26.22 -17.84 6.85
C THR A 98 -25.15 -18.89 6.55
N LEU A 99 -23.92 -18.43 6.32
CA LEU A 99 -22.79 -19.31 6.08
C LEU A 99 -21.63 -18.78 6.91
N THR A 100 -20.59 -19.59 7.09
CA THR A 100 -19.44 -19.20 7.88
C THR A 100 -18.27 -18.82 6.97
N LEU A 101 -17.67 -17.67 7.27
CA LEU A 101 -16.44 -17.23 6.59
C LEU A 101 -15.31 -17.64 7.48
N GLN A 102 -14.29 -18.28 6.91
CA GLN A 102 -13.17 -18.75 7.73
C GLN A 102 -11.82 -18.30 7.18
N ALA A 103 -10.94 -17.77 8.07
CA ALA A 103 -9.55 -17.38 7.74
C ALA A 103 -8.83 -18.64 7.27
N GLN A 104 -8.27 -18.59 6.06
CA GLN A 104 -7.61 -19.77 5.48
C GLN A 104 -6.79 -19.37 4.30
N LEU A 105 -5.97 -20.30 3.79
CA LEU A 105 -5.23 -20.08 2.55
C LEU A 105 -6.25 -19.91 1.41
N PHE A 106 -5.94 -19.04 0.45
CA PHE A 106 -6.88 -18.74 -0.61
C PHE A 106 -7.27 -20.00 -1.41
N ASN A 107 -8.58 -20.12 -1.66
CA ASN A 107 -9.19 -21.18 -2.45
C ASN A 107 -10.32 -20.54 -3.26
N ALA A 108 -10.18 -20.50 -4.59
CA ALA A 108 -11.17 -19.88 -5.52
C ALA A 108 -12.58 -20.42 -5.31
N GLY A 109 -12.67 -21.71 -4.98
CA GLY A 109 -13.97 -22.36 -4.74
C GLY A 109 -14.71 -21.82 -3.55
N GLU A 110 -13.99 -21.20 -2.60
CA GLU A 110 -14.54 -20.64 -1.37
C GLU A 110 -14.73 -19.15 -1.47
N ASP A 111 -14.26 -18.55 -2.58
CA ASP A 111 -14.28 -17.09 -2.77
C ASP A 111 -15.70 -16.62 -3.16
N ILE A 112 -16.62 -16.68 -2.18
CA ILE A 112 -18.05 -16.42 -2.29
C ILE A 112 -18.39 -14.97 -2.64
N CYS A 113 -19.35 -14.80 -3.57
CA CYS A 113 -20.00 -13.54 -3.83
C CYS A 113 -21.53 -13.79 -3.70
N TYR A 114 -22.29 -12.79 -3.32
CA TYR A 114 -23.73 -12.96 -3.06
C TYR A 114 -24.49 -11.67 -3.32
N GLY A 115 -25.81 -11.77 -3.41
CA GLY A 115 -26.62 -10.58 -3.61
C GLY A 115 -28.07 -10.86 -3.87
N ALA A 116 -28.88 -9.81 -3.82
CA ALA A 116 -30.32 -9.80 -4.09
C ALA A 116 -30.60 -9.93 -5.55
N GLY A 117 -31.69 -10.61 -5.86
CA GLY A 117 -32.14 -10.72 -7.23
C GLY A 117 -33.12 -9.63 -7.53
N GLU A 118 -33.11 -9.15 -8.78
CA GLU A 118 -34.08 -8.14 -9.23
C GLU A 118 -34.63 -8.57 -10.58
N ALA A 119 -35.85 -8.11 -10.93
CA ALA A 119 -36.45 -8.44 -12.22
C ALA A 119 -35.65 -7.88 -13.37
N SER A 120 -35.60 -8.65 -14.49
CA SER A 120 -34.93 -8.21 -15.71
C SER A 120 -35.61 -6.94 -16.20
N GLY A 121 -34.85 -5.86 -16.26
CA GLY A 121 -35.37 -4.57 -16.64
C GLY A 121 -35.99 -3.80 -15.48
N GLY A 122 -35.67 -4.22 -14.26
CA GLY A 122 -36.16 -3.61 -13.03
C GLY A 122 -37.61 -3.90 -12.71
N GLY A 123 -38.02 -3.40 -11.54
CA GLY A 123 -39.38 -3.62 -11.03
C GLY A 123 -39.40 -4.90 -10.21
N PRO A 124 -40.55 -5.37 -9.72
CA PRO A 124 -40.52 -6.62 -8.94
C PRO A 124 -40.59 -7.89 -9.79
N VAL A 125 -40.26 -9.05 -9.16
CA VAL A 125 -40.35 -10.38 -9.77
C VAL A 125 -41.68 -10.98 -9.37
N SER A 126 -42.54 -11.31 -10.37
CA SER A 126 -43.84 -11.96 -10.12
C SER A 126 -44.26 -12.70 -11.38
N VAL A 127 -45.47 -13.27 -11.40
CA VAL A 127 -46.02 -13.90 -12.58
C VAL A 127 -46.02 -12.88 -13.78
N TYR A 128 -46.06 -11.57 -13.50
CA TYR A 128 -46.11 -10.54 -14.56
C TYR A 128 -44.74 -10.30 -15.19
N ASN A 129 -43.67 -10.71 -14.49
CA ASN A 129 -42.28 -10.62 -14.98
C ASN A 129 -41.48 -11.73 -14.27
N PRO A 130 -41.61 -12.99 -14.75
CA PRO A 130 -41.00 -14.12 -14.06
C PRO A 130 -39.52 -14.36 -14.46
N PHE A 131 -38.72 -13.30 -14.40
CA PHE A 131 -37.33 -13.31 -14.78
C PHE A 131 -36.52 -12.55 -13.75
N VAL A 132 -35.53 -13.22 -13.15
CA VAL A 132 -34.69 -12.60 -12.13
C VAL A 132 -33.22 -12.64 -12.59
N GLU A 133 -32.45 -11.63 -12.16
CA GLU A 133 -31.02 -11.51 -12.41
C GLU A 133 -30.32 -11.23 -11.11
N PHE A 134 -29.13 -11.82 -10.93
CA PHE A 134 -28.32 -11.60 -9.73
C PHE A 134 -27.07 -10.84 -10.12
N LEU A 135 -27.29 -9.57 -10.45
CA LEU A 135 -26.24 -8.66 -10.89
C LEU A 135 -25.61 -7.93 -9.75
N ASN A 136 -24.35 -7.59 -9.92
CA ASN A 136 -23.54 -6.81 -8.98
C ASN A 136 -23.44 -7.46 -7.60
N LYS A 138 -21.69 -9.04 -4.40
CA LYS A 138 -20.51 -8.58 -3.67
C LYS A 138 -19.74 -9.75 -3.12
N HIS A 139 -18.40 -9.65 -3.07
CA HIS A 139 -17.59 -10.70 -2.48
C HIS A 139 -17.63 -10.60 -0.97
N ALA A 140 -17.53 -11.74 -0.30
CA ALA A 140 -17.61 -11.79 1.13
C ALA A 140 -16.25 -11.73 1.80
N TYR A 141 -15.21 -12.27 1.15
CA TYR A 141 -13.87 -12.33 1.77
C TYR A 141 -12.96 -11.18 1.43
N ALA A 142 -11.99 -10.89 2.34
CA ALA A 142 -10.96 -9.93 2.02
C ALA A 142 -9.71 -10.74 1.64
N ARG A 143 -9.13 -10.46 0.48
CA ARG A 143 -7.95 -11.22 0.04
C ARG A 143 -6.66 -10.51 0.48
N LEU A 144 -5.66 -11.29 0.87
CA LEU A 144 -4.38 -10.75 1.25
C LEU A 144 -3.27 -11.64 0.74
N ARG A 145 -2.31 -11.02 0.06
CA ARG A 145 -1.12 -11.70 -0.46
C ARG A 145 0.06 -11.31 0.41
N LEU A 146 0.75 -12.31 0.96
CA LEU A 146 1.94 -12.11 1.76
C LEU A 146 3.15 -12.63 1.02
N THR A 147 4.15 -11.76 0.80
CA THR A 147 5.43 -12.18 0.19
C THR A 147 6.52 -12.08 1.23
N LEU A 148 7.34 -13.12 1.35
CA LEU A 148 8.47 -13.14 2.27
C LEU A 148 9.73 -13.31 1.46
N THR A 149 10.68 -12.38 1.60
CA THR A 149 11.90 -12.39 0.80
C THR A 149 13.14 -12.43 1.65
N ARG A 150 14.11 -13.24 1.22
CA ARG A 150 15.39 -13.27 1.91
C ARG A 150 16.27 -12.18 1.30
N GLY A 151 16.51 -11.11 2.07
CA GLY A 151 17.30 -9.97 1.62
C GLY A 151 18.73 -10.32 1.25
N GLU A 152 19.35 -9.50 0.38
CA GLU A 152 20.74 -9.69 -0.07
C GLU A 152 21.70 -9.74 1.12
N LYS A 153 21.42 -8.93 2.17
CA LYS A 153 22.25 -8.81 3.37
C LYS A 153 21.85 -9.79 4.48
N PHE A 154 20.82 -10.65 4.27
CA PHE A 154 20.47 -11.64 5.30
C PHE A 154 21.67 -12.56 5.58
N ASP A 155 21.87 -12.95 6.85
CA ASP A 155 22.98 -13.83 7.28
C ASP A 155 23.07 -15.10 6.40
N LYS A 156 24.16 -15.25 5.61
CA LYS A 156 24.36 -16.36 4.68
C LYS A 156 24.44 -17.73 5.35
N THR A 157 24.77 -17.79 6.65
CA THR A 157 24.88 -19.05 7.41
C THR A 157 23.51 -19.59 7.89
N LYS A 158 22.49 -18.72 7.96
CA LYS A 158 21.17 -19.10 8.43
C LYS A 158 20.26 -19.63 7.30
N LYS A 159 19.32 -20.50 7.65
CA LYS A 159 18.40 -21.12 6.73
C LYS A 159 17.26 -20.21 6.26
N CYS A 160 16.94 -19.14 7.02
CA CYS A 160 15.77 -18.24 6.81
C CYS A 160 14.52 -19.11 6.86
N ASN A 161 14.45 -19.93 7.91
CA ASN A 161 13.31 -20.80 8.15
C ASN A 161 12.15 -19.94 8.63
N ILE A 162 10.98 -20.15 8.03
CA ILE A 162 9.77 -19.39 8.32
C ILE A 162 8.74 -20.27 8.99
N GLN A 163 8.33 -19.87 10.21
CA GLN A 163 7.31 -20.60 10.93
C GLN A 163 6.31 -19.68 11.57
N ASN A 164 5.09 -20.19 11.77
CA ASN A 164 4.01 -19.53 12.52
C ASN A 164 3.77 -18.06 12.13
N ILE A 165 3.44 -17.85 10.85
CA ILE A 165 3.01 -16.52 10.34
C ILE A 165 1.71 -16.21 11.07
N THR A 166 1.66 -15.15 11.87
CA THR A 166 0.51 -14.87 12.72
C THR A 166 -0.06 -13.50 12.41
N PHE A 167 -1.38 -13.43 12.22
CA PHE A 167 -2.08 -12.19 11.90
C PHE A 167 -2.95 -11.76 13.06
N LYS A 168 -2.79 -10.51 13.49
CA LYS A 168 -3.57 -9.94 14.59
C LYS A 168 -3.92 -8.50 14.33
N SER A 169 -5.11 -8.10 14.73
CA SER A 169 -5.51 -6.70 14.74
C SER A 169 -4.88 -6.09 16.01
N ASN A 170 -4.10 -5.00 15.84
CA ASN A 170 -3.46 -4.23 16.93
C ASN A 170 -2.70 -5.13 17.94
N ASN A 171 -2.02 -6.18 17.44
CA ASN A 171 -1.27 -7.16 18.24
C ASN A 171 -2.14 -7.77 19.37
N ALA A 172 -3.47 -7.75 19.21
CA ALA A 172 -4.39 -8.24 20.22
C ALA A 172 -5.11 -9.53 19.83
N ASN A 173 -5.81 -9.52 18.70
CA ASN A 173 -6.63 -10.68 18.32
C ASN A 173 -6.94 -10.67 16.82
N PHE A 174 -7.75 -11.64 16.36
CA PHE A 174 -8.18 -11.75 14.96
C PHE A 174 -9.39 -12.60 14.86
N TYR A 175 -10.29 -12.29 13.91
CA TYR A 175 -11.46 -13.15 13.70
C TYR A 175 -11.06 -14.30 12.79
N LEU A 176 -11.08 -15.53 13.32
CA LEU A 176 -10.80 -16.74 12.52
C LEU A 176 -12.05 -17.11 11.71
N THR A 177 -13.22 -16.88 12.30
CA THR A 177 -14.50 -17.13 11.64
C THR A 177 -15.51 -16.04 11.97
N ARG A 178 -16.37 -15.74 11.00
CA ARG A 178 -17.47 -14.79 11.13
C ARG A 178 -18.66 -15.34 10.35
N SER A 179 -19.82 -14.71 10.53
CA SER A 179 -21.02 -15.15 9.84
C SER A 179 -21.31 -14.24 8.66
N LEU A 180 -21.99 -14.79 7.65
CA LEU A 180 -22.44 -14.02 6.52
C LEU A 180 -23.87 -14.44 6.20
N ASP A 181 -24.78 -13.48 6.21
CA ASP A 181 -26.16 -13.71 5.83
C ASP A 181 -26.27 -13.23 4.40
N ILE A 182 -26.50 -14.18 3.45
CA ILE A 182 -26.56 -13.87 2.02
C ILE A 182 -27.88 -13.13 1.66
N ALA A 183 -28.83 -13.00 2.62
CA ALA A 183 -30.11 -12.28 2.44
C ALA A 183 -30.01 -10.85 3.04
N SER A 184 -28.81 -10.51 3.55
CA SER A 184 -28.48 -9.22 4.19
C SER A 184 -27.44 -8.46 3.38
N THR A 185 -27.26 -7.15 3.66
CA THR A 185 -26.19 -6.37 3.01
C THR A 185 -25.11 -5.95 4.03
N ALA A 186 -25.18 -6.48 5.26
CA ALA A 186 -24.21 -6.20 6.32
C ALA A 186 -22.78 -6.66 6.01
N GLY A 187 -22.65 -7.72 5.22
CA GLY A 187 -21.35 -8.36 5.00
C GLY A 187 -21.02 -9.21 6.22
N ALA A 188 -19.75 -9.55 6.42
CA ALA A 188 -19.35 -10.34 7.56
C ALA A 188 -19.75 -9.71 8.89
N THR A 189 -20.35 -10.51 9.78
CA THR A 189 -20.84 -10.02 11.08
C THR A 189 -20.65 -11.11 12.12
N GLY A 190 -20.81 -10.74 13.38
CA GLY A 190 -20.67 -11.67 14.48
C GLY A 190 -19.29 -12.28 14.57
N GLY A 191 -19.23 -13.49 15.10
CA GLY A 191 -17.98 -14.22 15.34
C GLY A 191 -17.32 -13.72 16.59
N SER A 192 -16.22 -14.37 16.98
CA SER A 192 -15.43 -14.00 18.15
C SER A 192 -13.99 -13.83 17.75
N ALA A 193 -13.35 -12.74 18.19
CA ALA A 193 -11.95 -12.45 17.91
C ALA A 193 -11.05 -13.29 18.84
N VAL A 194 -10.15 -14.09 18.25
CA VAL A 194 -9.25 -15.03 18.97
C VAL A 194 -7.91 -14.34 19.29
N ALA A 195 -7.50 -14.35 20.57
CA ALA A 195 -6.24 -13.74 21.04
C ALA A 195 -4.98 -14.31 20.35
N ALA A 196 -4.99 -15.58 19.95
CA ALA A 196 -3.85 -16.20 19.26
C ALA A 196 -3.69 -15.74 17.81
N GLY A 197 -4.72 -15.10 17.28
CA GLY A 197 -4.73 -14.63 15.89
C GLY A 197 -4.84 -15.80 14.92
N TYR A 198 -4.68 -15.50 13.63
CA TYR A 198 -4.68 -16.50 12.57
C TYR A 198 -3.25 -16.92 12.39
N VAL A 199 -2.99 -18.24 12.49
CA VAL A 199 -1.64 -18.79 12.42
C VAL A 199 -1.52 -19.74 11.22
N HIS A 200 -0.53 -19.49 10.37
CA HIS A 200 -0.22 -20.32 9.21
C HIS A 200 1.24 -20.71 9.36
N ASN A 201 1.51 -22.02 9.50
CA ASN A 201 2.86 -22.50 9.70
C ASN A 201 3.38 -23.24 8.46
N PRO A 202 3.96 -22.55 7.46
CA PRO A 202 4.46 -23.28 6.28
C PRO A 202 5.74 -24.09 6.56
N ASN A 203 6.50 -23.69 7.59
CA ASN A 203 7.77 -24.30 7.96
C ASN A 203 8.66 -24.50 6.71
N VAL A 204 9.04 -23.39 6.07
CA VAL A 204 9.85 -23.44 4.84
C VAL A 204 11.10 -22.61 4.99
N ASN A 205 12.15 -23.01 4.28
CA ASN A 205 13.44 -22.33 4.24
C ASN A 205 13.51 -21.47 2.97
N ILE A 206 13.81 -20.19 3.13
CA ILE A 206 13.92 -19.33 1.98
C ILE A 206 15.38 -19.26 1.59
N ALA A 207 15.73 -19.78 0.40
CA ALA A 207 17.14 -19.77 -0.05
C ALA A 207 17.57 -18.35 -0.49
N THR A 208 18.89 -18.13 -0.64
CA THR A 208 19.50 -16.85 -1.03
C THR A 208 18.78 -16.21 -2.21
N GLY A 209 18.39 -14.95 -2.01
CA GLY A 209 17.71 -14.11 -2.99
C GLY A 209 16.31 -14.55 -3.43
N LYS A 210 15.75 -15.57 -2.77
CA LYS A 210 14.43 -16.08 -3.17
C LYS A 210 13.32 -15.49 -2.32
N SER A 211 12.09 -15.75 -2.74
CA SER A 211 10.87 -15.31 -2.09
C SER A 211 9.86 -16.43 -2.10
N VAL A 212 8.92 -16.34 -1.16
CA VAL A 212 7.79 -17.23 -1.09
C VAL A 212 6.54 -16.34 -0.90
N THR A 213 5.42 -16.68 -1.59
CA THR A 213 4.19 -15.92 -1.54
C THR A 213 3.03 -16.82 -1.12
N TYR A 214 2.24 -16.32 -0.15
CA TYR A 214 1.06 -17.01 0.32
C TYR A 214 -0.12 -16.10 0.09
N GLU A 215 -1.20 -16.71 -0.32
CA GLU A 215 -2.47 -16.05 -0.59
C GLU A 215 -3.45 -16.48 0.46
N TYR A 216 -4.07 -15.51 1.11
CA TYR A 216 -5.06 -15.76 2.16
C TYR A 216 -6.38 -15.13 1.81
N PHE A 218 -9.56 -13.75 4.24
CA PHE A 218 -9.92 -13.56 5.64
C PHE A 218 -11.30 -12.99 5.75
N PRO A 219 -12.03 -13.30 6.86
CA PRO A 219 -13.30 -12.63 7.05
C PRO A 219 -13.05 -11.11 7.22
N PRO A 220 -13.76 -10.23 6.50
CA PRO A 220 -13.57 -8.79 6.71
C PRO A 220 -13.79 -8.46 8.17
N GLN A 221 -12.95 -7.57 8.70
CA GLN A 221 -12.93 -7.26 10.13
C GLN A 221 -12.19 -5.98 10.44
N PRO A 222 -12.42 -5.37 11.62
CA PRO A 222 -11.71 -4.12 11.94
C PRO A 222 -10.23 -4.33 12.22
N LEU A 223 -9.43 -3.31 11.97
CA LEU A 223 -8.02 -3.27 12.31
C LEU A 223 -7.94 -2.21 13.39
N ASP A 224 -7.94 -2.60 14.68
CA ASP A 224 -7.98 -1.64 15.78
C ASP A 224 -6.81 -0.64 15.68
N GLY A 225 -7.13 0.66 15.77
CA GLY A 225 -6.17 1.75 15.64
C GLY A 225 -5.44 1.72 14.31
N SER A 226 -6.10 1.13 13.29
CA SER A 226 -5.65 0.94 11.92
C SER A 226 -4.35 0.15 11.93
N LYS A 227 -4.21 -0.87 12.80
CA LYS A 227 -2.99 -1.65 12.79
C LYS A 227 -3.20 -3.15 12.55
N LEU A 228 -2.51 -3.67 11.53
CA LEU A 228 -2.40 -5.10 11.32
C LEU A 228 -1.00 -5.51 11.78
N THR A 229 -0.94 -6.41 12.75
CA THR A 229 0.34 -6.94 13.21
C THR A 229 0.59 -8.28 12.55
N ILE A 230 1.78 -8.47 12.02
CA ILE A 230 2.16 -9.78 11.47
C ILE A 230 3.34 -10.26 12.28
N LEU A 231 3.23 -11.46 12.88
CA LEU A 231 4.35 -12.07 13.61
C LEU A 231 4.87 -13.18 12.74
N VAL A 232 6.19 -13.30 12.65
CA VAL A 232 6.84 -14.36 11.87
C VAL A 232 7.99 -14.87 12.71
N THR A 233 8.13 -16.20 12.82
CA THR A 233 9.25 -16.80 13.55
C THR A 233 10.30 -17.14 12.48
N VAL A 234 11.40 -16.36 12.50
CA VAL A 234 12.50 -16.50 11.53
C VAL A 234 13.66 -17.17 12.20
N ASP A 235 13.99 -18.40 11.77
CA ASP A 235 15.04 -19.23 12.33
C ASP A 235 14.91 -19.29 13.85
N GLY A 236 13.68 -19.50 14.30
CA GLY A 236 13.37 -19.64 15.71
C GLY A 236 13.15 -18.36 16.48
N VAL A 237 13.39 -17.19 15.86
CA VAL A 237 13.25 -15.91 16.57
C VAL A 237 11.95 -15.29 16.17
N THR A 238 11.09 -14.97 17.16
CA THR A 238 9.80 -14.36 16.88
C THR A 238 9.99 -12.85 16.60
N ARG A 239 9.59 -12.42 15.39
CA ARG A 239 9.64 -11.04 14.91
C ARG A 239 8.23 -10.49 14.76
N SER A 240 8.04 -9.20 14.99
CA SER A 240 6.72 -8.55 14.92
C SER A 240 6.79 -7.34 14.02
N CYS A 241 5.81 -7.19 13.14
CA CYS A 241 5.71 -6.07 12.19
CA CYS A 241 5.73 -6.09 12.20
C CYS A 241 4.37 -5.40 12.32
N ASP A 242 4.35 -4.10 12.60
CA ASP A 242 3.07 -3.37 12.67
C ASP A 242 2.85 -2.67 11.33
N ILE A 243 1.68 -2.92 10.71
CA ILE A 243 1.30 -2.32 9.41
C ILE A 243 0.10 -1.40 9.67
N SER A 244 0.32 -0.08 9.50
CA SER A 244 -0.71 0.93 9.79
CA SER A 244 -0.69 0.94 9.80
C SER A 244 -1.21 1.59 8.51
N THR A 245 -0.80 1.10 7.35
CA THR A 245 -1.18 1.71 6.07
C THR A 245 -2.15 0.84 5.22
N LEU A 246 -2.98 0.02 5.86
CA LEU A 246 -3.92 -0.81 5.10
C LEU A 246 -5.35 -0.33 5.27
N GLY A 247 -5.54 0.73 6.03
CA GLY A 247 -6.88 1.24 6.31
C GLY A 247 -7.30 0.83 7.70
N SER A 248 -8.52 1.21 8.11
CA SER A 248 -8.99 0.90 9.48
C SER A 248 -9.74 -0.45 9.56
N SER A 249 -9.79 -1.21 8.46
CA SER A 249 -10.44 -2.52 8.44
C SER A 249 -10.01 -3.28 7.22
N LEU A 250 -10.12 -4.62 7.27
CA LEU A 250 -9.89 -5.46 6.08
C LEU A 250 -11.24 -5.59 5.44
N ASP A 251 -11.38 -5.10 4.17
CA ASP A 251 -12.63 -5.05 3.42
C ASP A 251 -12.70 -6.04 2.26
N SER A 252 -13.91 -6.58 2.03
CA SER A 252 -14.12 -7.58 0.99
C SER A 252 -13.86 -7.07 -0.47
N GLY A 253 -14.04 -5.77 -0.71
CA GLY A 253 -13.90 -5.21 -2.05
C GLY A 253 -12.50 -4.75 -2.41
N LYS A 254 -11.54 -5.02 -1.50
CA LYS A 254 -10.15 -4.60 -1.64
C LYS A 254 -9.17 -5.78 -1.54
N TYR A 255 -8.03 -5.64 -2.25
CA TYR A 255 -6.97 -6.64 -2.26
CA TYR A 255 -6.92 -6.60 -2.30
C TYR A 255 -5.79 -6.06 -1.46
N TYR A 256 -5.33 -6.80 -0.44
CA TYR A 256 -4.25 -6.37 0.43
C TYR A 256 -2.99 -7.07 0.08
N GLY A 257 -1.87 -6.37 0.19
CA GLY A 257 -0.56 -6.96 -0.07
C GLY A 257 0.41 -6.60 1.03
N VAL A 258 1.13 -7.59 1.57
CA VAL A 258 2.18 -7.35 2.55
C VAL A 258 3.43 -8.05 2.07
N SER A 259 4.55 -7.31 2.00
CA SER A 259 5.82 -7.91 1.62
CA SER A 259 5.84 -7.88 1.60
C SER A 259 6.84 -7.64 2.70
N LEU A 260 7.48 -8.70 3.17
CA LEU A 260 8.52 -8.62 4.21
C LEU A 260 9.83 -9.12 3.67
N THR A 261 10.85 -8.25 3.66
CA THR A 261 12.20 -8.59 3.25
C THR A 261 13.08 -8.60 4.50
N PHE A 262 13.66 -9.78 4.80
CA PHE A 262 14.52 -9.99 5.96
C PHE A 262 15.93 -9.58 5.65
N THR A 263 16.47 -8.62 6.41
CA THR A 263 17.81 -8.12 6.12
C THR A 263 18.77 -8.59 7.21
N ASP A 264 19.94 -7.96 7.29
CA ASP A 264 20.94 -8.21 8.31
C ASP A 264 20.55 -7.59 9.66
N VAL A 265 19.73 -6.50 9.64
CA VAL A 265 19.40 -5.74 10.86
C VAL A 265 17.88 -5.54 11.07
N GLY A 266 17.07 -5.96 10.12
CA GLY A 266 15.63 -5.80 10.26
C GLY A 266 14.77 -6.34 9.14
N ILE A 267 13.66 -5.66 8.93
CA ILE A 267 12.67 -6.07 7.95
C ILE A 267 12.29 -4.86 7.12
N ILE A 268 12.35 -5.00 5.80
CA ILE A 268 11.85 -3.98 4.88
C ILE A 268 10.39 -4.36 4.71
N LEU A 269 9.47 -3.45 5.09
CA LEU A 269 8.04 -3.69 5.02
C LEU A 269 7.40 -2.89 3.86
N SER A 270 6.69 -3.59 2.96
CA SER A 270 5.98 -2.97 1.86
C SER A 270 4.50 -3.36 2.00
N SER A 271 3.61 -2.39 2.16
CA SER A 271 2.18 -2.70 2.31
C SER A 271 1.44 -2.15 1.12
N ALA A 272 0.42 -2.84 0.65
CA ALA A 272 -0.30 -2.37 -0.52
C ALA A 272 -1.78 -2.62 -0.39
N VAL A 273 -2.59 -1.67 -0.92
CA VAL A 273 -4.03 -1.82 -0.93
C VAL A 273 -4.44 -1.57 -2.37
N VAL A 274 -5.23 -2.50 -2.96
CA VAL A 274 -5.77 -2.32 -4.31
C VAL A 274 -7.30 -2.13 -4.20
N THR A 275 -7.81 -1.03 -4.76
CA THR A 275 -9.23 -0.70 -4.70
C THR A 275 -9.77 -0.25 -6.08
N VAL A 276 -11.10 -0.14 -6.20
CA VAL A 276 -11.80 0.30 -7.40
C VAL A 276 -12.49 1.64 -7.10
N ASN A 277 -12.20 2.65 -7.90
CA ASN A 277 -12.82 3.96 -7.82
C ASN A 277 -13.54 4.21 -9.16
N ASN A 278 -14.85 3.93 -9.20
CA ASN A 278 -15.64 4.06 -10.42
C ASN A 278 -16.35 5.39 -10.51
N PHE A 279 -16.40 5.94 -11.74
CA PHE A 279 -17.07 7.21 -12.06
C PHE A 279 -18.58 7.01 -12.08
N GLY B 9 48.48 21.59 19.61
CA GLY B 9 47.79 22.85 19.42
C GLY B 9 46.56 22.58 18.57
N GLU B 10 46.76 22.50 17.25
CA GLU B 10 45.67 22.20 16.33
C GLU B 10 46.10 21.17 15.28
N LYS B 11 45.11 20.53 14.64
CA LYS B 11 45.30 19.53 13.60
C LYS B 11 44.22 19.67 12.53
N THR B 12 44.54 19.25 11.30
CA THR B 12 43.62 19.21 10.16
C THR B 12 42.60 18.10 10.42
N LEU B 13 41.31 18.42 10.30
CA LEU B 13 40.25 17.44 10.44
C LEU B 13 40.23 16.48 9.25
N ALA B 14 40.06 15.18 9.50
CA ALA B 14 39.93 14.20 8.44
C ALA B 14 38.55 13.57 8.51
N VAL B 15 37.86 13.49 7.38
CA VAL B 15 36.58 12.82 7.28
C VAL B 15 36.88 11.41 6.79
N VAL B 16 36.64 10.43 7.66
CA VAL B 16 36.99 9.03 7.46
C VAL B 16 35.96 8.29 6.62
N SER B 17 34.67 8.47 6.93
CA SER B 17 33.61 7.79 6.19
C SER B 17 32.31 8.53 6.29
N ALA B 18 31.40 8.21 5.37
CA ALA B 18 30.05 8.77 5.29
C ALA B 18 29.16 7.66 4.83
N SER B 19 27.97 7.54 5.43
CA SER B 19 27.04 6.46 5.10
C SER B 19 25.59 6.84 5.37
N SER B 20 24.67 6.11 4.72
CA SER B 20 23.22 6.25 4.88
C SER B 20 22.57 4.89 5.10
N ASP B 21 21.57 4.77 6.02
CA ASP B 21 20.92 3.47 6.34
C ASP B 21 19.37 3.44 6.30
N ASP B 22 18.71 4.62 6.34
CA ASP B 22 17.26 4.77 6.51
C ASP B 22 16.34 4.29 5.34
N ARG B 23 16.88 3.87 4.18
CA ARG B 23 15.97 3.58 3.07
C ARG B 23 15.89 2.11 2.61
N PRO B 24 14.71 1.67 2.05
CA PRO B 24 14.59 0.29 1.51
C PRO B 24 15.85 -0.15 0.76
N SER B 25 16.37 0.73 -0.09
CA SER B 25 17.64 0.56 -0.79
C SER B 25 18.65 1.48 -0.10
N THR B 26 19.52 0.92 0.77
CA THR B 26 20.52 1.70 1.49
C THR B 26 21.74 1.99 0.61
N ARG B 27 22.34 3.17 0.78
CA ARG B 27 23.57 3.52 0.09
C ARG B 27 24.73 2.75 0.72
N GLY B 28 24.60 2.45 2.01
CA GLY B 28 25.65 1.80 2.80
C GLY B 28 26.76 2.81 2.98
N ILE B 29 28.03 2.36 3.07
CA ILE B 29 29.16 3.29 3.16
C ILE B 29 29.37 3.90 1.75
N ILE B 30 29.34 5.24 1.65
CA ILE B 30 29.52 5.93 0.36
C ILE B 30 31.00 5.76 -0.04
N ASN B 31 31.26 4.96 -1.10
CA ASN B 31 32.62 4.62 -1.53
C ASN B 31 32.90 5.07 -2.98
N ASP B 32 32.16 6.07 -3.48
CA ASP B 32 32.34 6.59 -4.83
C ASP B 32 32.44 8.12 -4.85
N ASN B 33 33.09 8.66 -5.90
CA ASN B 33 33.34 10.08 -6.06
C ASN B 33 32.31 10.78 -6.97
N THR B 34 31.19 10.10 -7.33
CA THR B 34 30.15 10.74 -8.15
C THR B 34 29.76 12.12 -7.56
N TYR B 35 29.37 12.14 -6.28
CA TYR B 35 28.98 13.33 -5.54
C TYR B 35 29.95 13.63 -4.42
N ALA B 36 30.00 14.91 -4.02
CA ALA B 36 30.84 15.36 -2.90
C ALA B 36 29.98 15.44 -1.62
N LEU B 37 30.63 15.66 -0.50
CA LEU B 37 29.95 15.78 0.79
C LEU B 37 30.17 17.23 1.30
N GLY B 38 29.13 17.83 1.87
CA GLY B 38 29.21 19.20 2.40
C GLY B 38 29.31 19.15 3.91
N VAL B 39 30.41 19.69 4.50
CA VAL B 39 30.60 19.61 5.95
C VAL B 39 30.46 20.98 6.61
N PHE B 40 29.90 20.99 7.82
CA PHE B 40 29.62 22.20 8.60
C PHE B 40 30.11 22.07 10.02
N ARG B 41 30.55 23.18 10.61
CA ARG B 41 30.93 23.23 12.01
C ARG B 41 30.14 24.34 12.66
N THR B 42 29.47 24.02 13.78
CA THR B 42 28.66 24.99 14.49
C THR B 42 29.55 25.79 15.47
N THR B 43 28.97 26.77 16.18
CA THR B 43 29.70 27.61 17.12
C THR B 43 29.83 26.97 18.50
N ALA B 44 29.46 25.68 18.63
CA ALA B 44 29.57 24.94 19.87
C ALA B 44 31.02 24.99 20.36
N ASN B 45 31.21 25.40 21.64
CA ASN B 45 32.47 25.50 22.35
C ASN B 45 33.36 26.62 21.79
N THR B 46 32.73 27.70 21.24
CA THR B 46 33.33 28.95 20.75
C THR B 46 34.08 28.80 19.42
N TYR B 47 33.96 27.65 18.72
CA TYR B 47 34.56 27.52 17.40
C TYR B 47 33.94 28.53 16.44
N ALA B 48 34.73 29.03 15.48
CA ALA B 48 34.19 29.87 14.42
C ALA B 48 33.37 28.95 13.50
N PRO B 49 32.20 29.41 12.98
CA PRO B 49 31.38 28.48 12.20
C PRO B 49 31.98 28.19 10.83
N LEU B 50 31.75 26.97 10.32
CA LEU B 50 32.15 26.58 8.98
C LEU B 50 30.91 26.12 8.24
N TYR B 51 30.78 26.57 6.99
CA TYR B 51 29.59 26.31 6.19
C TYR B 51 29.92 25.65 4.87
N ASN B 52 29.28 24.50 4.60
CA ASN B 52 29.28 23.82 3.32
C ASN B 52 30.68 23.56 2.76
N VAL B 53 31.58 23.03 3.60
CA VAL B 53 32.96 22.75 3.21
C VAL B 53 32.96 21.47 2.39
N LYS B 54 33.25 21.59 1.09
CA LYS B 54 33.23 20.51 0.12
C LYS B 54 34.35 19.47 0.39
N HIS B 55 33.97 18.17 0.50
CA HIS B 55 34.88 17.04 0.68
C HIS B 55 34.68 16.06 -0.46
N ILE B 56 35.77 15.68 -1.14
CA ILE B 56 35.72 14.78 -2.30
C ILE B 56 36.26 13.41 -1.90
N TYR B 57 35.57 12.33 -2.30
CA TYR B 57 35.99 10.98 -1.98
C TYR B 57 37.19 10.55 -2.83
N SER B 58 38.23 10.03 -2.15
CA SER B 58 39.42 9.42 -2.74
C SER B 58 40.10 8.50 -1.73
N GLY B 59 40.10 7.20 -2.04
CA GLY B 59 40.72 6.14 -1.27
C GLY B 59 40.28 6.02 0.18
N GLY B 60 38.98 5.79 0.37
CA GLY B 60 38.38 5.59 1.69
C GLY B 60 38.45 6.75 2.65
N GLU B 61 38.60 7.96 2.10
CA GLU B 61 38.71 9.23 2.83
C GLU B 61 38.12 10.36 1.97
N TRP B 62 37.50 11.33 2.65
CA TRP B 62 36.90 12.49 2.04
C TRP B 62 37.80 13.69 2.18
N GLY B 63 38.50 14.04 1.11
CA GLY B 63 39.44 15.16 1.12
C GLY B 63 38.79 16.50 0.86
N ALA B 64 39.10 17.48 1.70
CA ALA B 64 38.55 18.84 1.56
C ALA B 64 39.43 19.71 0.70
N ASP B 65 38.81 20.62 -0.08
CA ASP B 65 39.61 21.63 -0.80
C ASP B 65 39.99 22.68 0.23
N ASP B 66 38.99 23.11 1.04
CA ASP B 66 39.16 24.12 2.09
C ASP B 66 39.77 23.54 3.35
N VAL B 67 39.99 24.41 4.33
CA VAL B 67 40.65 24.04 5.56
C VAL B 67 39.64 23.98 6.69
N ILE B 68 39.71 22.89 7.44
CA ILE B 68 39.04 22.62 8.69
C ILE B 68 40.13 22.17 9.65
N LYS B 69 40.25 22.89 10.76
CA LYS B 69 41.23 22.62 11.82
C LYS B 69 40.50 22.45 13.14
N VAL B 70 41.06 21.69 14.06
CA VAL B 70 40.45 21.48 15.37
C VAL B 70 41.55 21.65 16.40
N ASP B 71 41.22 22.19 17.56
CA ASP B 71 42.19 22.36 18.67
C ASP B 71 41.68 21.59 19.87
N TYR B 72 42.03 22.00 21.10
CA TYR B 72 41.61 21.31 22.34
C TYR B 72 40.08 21.34 22.49
N ARG B 73 39.42 22.32 21.87
CA ARG B 73 37.98 22.45 21.97
C ARG B 73 37.26 21.33 21.20
N ASN B 74 36.23 20.75 21.81
CA ASN B 74 35.43 19.70 21.17
C ASN B 74 34.56 20.35 20.11
N ALA B 75 34.68 19.89 18.86
CA ALA B 75 33.95 20.47 17.73
C ALA B 75 32.69 19.69 17.34
N SER B 76 31.62 20.41 16.94
CA SER B 76 30.35 19.81 16.48
C SER B 76 30.23 19.95 14.99
N PHE B 77 30.17 18.82 14.28
CA PHE B 77 30.08 18.78 12.82
C PHE B 77 28.78 18.14 12.33
N PHE B 78 28.35 18.56 11.13
CA PHE B 78 27.20 18.02 10.40
C PHE B 78 27.60 17.97 8.94
N ALA B 79 26.95 17.08 8.19
CA ALA B 79 27.21 16.94 6.75
C ALA B 79 25.95 16.59 6.00
N TYR B 80 25.92 16.88 4.71
CA TYR B 80 24.80 16.49 3.86
C TYR B 80 25.40 16.00 2.53
N TYR B 81 24.63 15.23 1.79
CA TYR B 81 25.09 14.64 0.56
C TYR B 81 23.93 14.43 -0.36
N PRO B 82 24.07 14.68 -1.68
CA PRO B 82 25.22 15.27 -2.41
C PRO B 82 25.40 16.75 -2.14
N TYR B 83 26.69 17.18 -2.02
CA TYR B 83 27.08 18.57 -1.88
C TYR B 83 26.52 19.41 -3.04
N HIS B 84 26.11 20.64 -2.73
CA HIS B 84 25.69 21.64 -3.72
C HIS B 84 26.37 22.93 -3.40
N THR B 85 26.62 23.77 -4.42
CA THR B 85 27.12 25.13 -4.18
C THR B 85 25.96 25.83 -3.45
N ALA B 86 26.26 26.72 -2.50
CA ALA B 86 25.21 27.36 -1.72
C ALA B 86 24.39 28.42 -2.50
N THR B 87 23.62 27.96 -3.50
CA THR B 87 22.76 28.81 -4.36
C THR B 87 21.43 28.10 -4.56
N GLY B 88 20.41 28.84 -4.96
CA GLY B 88 19.09 28.28 -5.25
C GLY B 88 18.46 27.70 -4.01
N ASN B 89 18.04 26.43 -4.10
CA ASN B 89 17.44 25.73 -2.96
C ASN B 89 18.45 25.49 -1.79
N TYR B 90 19.73 25.74 -2.04
CA TYR B 90 20.83 25.54 -1.09
C TYR B 90 21.43 26.90 -0.64
N ALA B 91 20.75 28.02 -0.95
CA ALA B 91 21.20 29.36 -0.58
C ALA B 91 21.35 29.54 0.94
N GLY B 92 20.50 28.86 1.73
CA GLY B 92 20.58 28.93 3.18
C GLY B 92 21.81 28.25 3.79
N LEU B 93 22.57 27.47 2.98
CA LEU B 93 23.81 26.81 3.44
C LEU B 93 25.05 27.72 3.25
N ALA B 94 24.87 28.94 2.67
CA ALA B 94 25.98 29.90 2.45
C ALA B 94 26.54 30.39 3.78
N GLY B 95 25.63 30.71 4.71
CA GLY B 95 25.97 31.17 6.05
C GLY B 95 25.03 30.63 7.12
N GLY B 96 24.54 29.43 6.88
CA GLY B 96 23.63 28.72 7.78
C GLY B 96 23.58 27.23 7.48
N THR B 97 22.61 26.53 8.08
CA THR B 97 22.47 25.08 7.93
C THR B 97 21.08 24.67 7.40
N THR B 98 20.35 25.62 6.76
CA THR B 98 19.02 25.32 6.24
C THR B 98 19.04 25.25 4.72
N LEU B 99 18.29 24.30 4.18
CA LEU B 99 18.16 24.16 2.74
C LEU B 99 16.68 23.97 2.42
N THR B 100 16.33 24.09 1.15
CA THR B 100 14.95 23.97 0.74
C THR B 100 14.71 22.63 0.05
N LEU B 101 13.66 21.94 0.49
CA LEU B 101 13.21 20.71 -0.16
C LEU B 101 12.14 21.12 -1.14
N GLN B 102 12.20 20.65 -2.40
CA GLN B 102 11.21 21.02 -3.39
C GLN B 102 10.59 19.81 -4.12
N ALA B 103 9.24 19.79 -4.26
CA ALA B 103 8.47 18.78 -5.03
C ALA B 103 8.92 18.85 -6.49
N GLN B 104 9.37 17.74 -7.04
CA GLN B 104 9.91 17.72 -8.40
C GLN B 104 10.03 16.28 -8.89
N LEU B 105 10.29 16.11 -10.20
CA LEU B 105 10.59 14.79 -10.75
C LEU B 105 11.87 14.32 -10.10
N PHE B 106 11.97 13.00 -9.84
CA PHE B 106 13.11 12.46 -9.14
C PHE B 106 14.42 12.75 -9.85
N ASN B 107 15.40 13.21 -9.05
CA ASN B 107 16.73 13.52 -9.53
C ASN B 107 17.67 13.11 -8.40
N ALA B 108 18.49 12.08 -8.66
CA ALA B 108 19.43 11.53 -7.70
C ALA B 108 20.34 12.60 -7.10
N GLY B 109 20.68 13.62 -7.90
CA GLY B 109 21.54 14.72 -7.48
C GLY B 109 20.93 15.57 -6.38
N GLU B 110 19.59 15.55 -6.26
CA GLU B 110 18.84 16.33 -5.28
C GLU B 110 18.40 15.48 -4.12
N ASP B 111 18.64 14.16 -4.20
CA ASP B 111 18.18 13.22 -3.17
C ASP B 111 19.08 13.27 -1.93
N ILE B 112 18.94 14.35 -1.17
CA ILE B 112 19.76 14.72 0.00
C ILE B 112 19.58 13.78 1.20
N CYS B 113 20.71 13.43 1.81
CA CYS B 113 20.78 12.76 3.09
C CYS B 113 21.72 13.61 3.98
N TYR B 114 21.52 13.58 5.29
CA TYR B 114 22.28 14.44 6.21
C TYR B 114 22.39 13.80 7.60
N GLY B 115 23.29 14.32 8.40
CA GLY B 115 23.47 13.83 9.76
C GLY B 115 24.60 14.47 10.51
N ALA B 116 24.64 14.26 11.85
CA ALA B 116 25.68 14.70 12.78
C ALA B 116 26.93 13.85 12.61
N GLY B 117 28.08 14.48 12.82
CA GLY B 117 29.34 13.75 12.78
C GLY B 117 29.73 13.33 14.17
N GLU B 118 30.41 12.19 14.27
CA GLU B 118 30.98 11.75 15.56
C GLU B 118 32.41 11.28 15.34
N ALA B 119 33.27 11.35 16.40
CA ALA B 119 34.64 10.89 16.29
C ALA B 119 34.69 9.40 15.97
N SER B 120 35.71 8.99 15.16
CA SER B 120 35.96 7.59 14.81
C SER B 120 36.25 6.85 16.11
N GLY B 121 35.40 5.88 16.43
CA GLY B 121 35.52 5.14 17.68
C GLY B 121 34.84 5.82 18.85
N GLY B 122 33.95 6.77 18.55
CA GLY B 122 33.19 7.52 19.55
C GLY B 122 34.00 8.54 20.33
N GLY B 123 33.29 9.28 21.16
CA GLY B 123 33.86 10.35 21.96
C GLY B 123 33.82 11.66 21.18
N PRO B 124 34.39 12.76 21.68
CA PRO B 124 34.33 14.00 20.90
C PRO B 124 35.43 14.13 19.84
N VAL B 125 35.25 15.09 18.90
CA VAL B 125 36.20 15.41 17.86
C VAL B 125 37.01 16.63 18.35
N SER B 126 38.33 16.49 18.43
CA SER B 126 39.25 17.58 18.82
C SER B 126 40.64 17.27 18.29
N VAL B 127 41.63 18.08 18.66
CA VAL B 127 43.03 17.85 18.31
C VAL B 127 43.46 16.42 18.79
N TYR B 128 42.83 15.90 19.87
CA TYR B 128 43.17 14.59 20.44
C TYR B 128 42.61 13.42 19.61
N ASN B 129 41.62 13.68 18.78
CA ASN B 129 41.03 12.70 17.86
C ASN B 129 40.44 13.48 16.66
N PRO B 130 41.31 13.90 15.71
CA PRO B 130 40.83 14.78 14.61
C PRO B 130 40.27 13.99 13.42
N PHE B 131 39.35 13.07 13.71
CA PHE B 131 38.74 12.15 12.75
C PHE B 131 37.25 12.09 13.00
N VAL B 132 36.47 12.42 11.99
CA VAL B 132 35.01 12.44 12.11
C VAL B 132 34.43 11.49 11.04
N GLU B 133 33.27 10.91 11.36
CA GLU B 133 32.50 10.05 10.48
C GLU B 133 31.06 10.51 10.47
N PHE B 134 30.43 10.49 9.28
CA PHE B 134 29.05 10.87 9.08
C PHE B 134 28.27 9.64 8.67
N LEU B 135 28.05 8.79 9.66
CA LEU B 135 27.38 7.51 9.50
C LEU B 135 25.88 7.63 9.79
N ASN B 136 25.10 6.75 9.12
CA ASN B 136 23.63 6.61 9.23
C ASN B 136 22.91 7.93 8.93
N LYS B 138 20.38 10.39 7.26
CA LYS B 138 18.96 10.18 6.92
C LYS B 138 18.60 10.94 5.67
N HIS B 139 17.72 10.35 4.84
CA HIS B 139 17.25 11.04 3.66
C HIS B 139 16.17 12.02 4.04
N ALA B 140 16.14 13.15 3.33
CA ALA B 140 15.20 14.24 3.65
C ALA B 140 13.89 14.09 2.87
N TYR B 141 13.92 13.52 1.67
CA TYR B 141 12.74 13.46 0.78
C TYR B 141 11.95 12.21 0.89
N ALA B 142 10.66 12.31 0.60
CA ALA B 142 9.79 11.15 0.40
C ALA B 142 9.83 10.85 -1.09
N ARG B 143 10.02 9.60 -1.50
CA ARG B 143 10.00 9.26 -2.94
C ARG B 143 8.63 8.68 -3.29
N LEU B 144 8.13 8.95 -4.49
CA LEU B 144 6.87 8.40 -4.92
C LEU B 144 6.97 8.01 -6.38
N ARG B 145 6.57 6.77 -6.68
CA ARG B 145 6.52 6.27 -8.05
C ARG B 145 5.07 6.19 -8.46
N LEU B 146 4.74 6.82 -9.58
CA LEU B 146 3.40 6.80 -10.13
C LEU B 146 3.39 6.03 -11.43
N THR B 147 2.55 4.98 -11.52
CA THR B 147 2.37 4.23 -12.75
C THR B 147 0.96 4.47 -13.27
N LEU B 148 0.85 4.77 -14.58
CA LEU B 148 -0.46 4.95 -15.22
C LEU B 148 -0.59 3.89 -16.29
N THR B 149 -1.66 3.09 -16.24
CA THR B 149 -1.84 1.97 -17.16
C THR B 149 -3.14 2.06 -17.89
N ARG B 150 -3.10 1.79 -19.20
CA ARG B 150 -4.32 1.75 -19.99
C ARG B 150 -4.89 0.33 -19.85
N GLY B 151 -5.97 0.19 -19.11
CA GLY B 151 -6.59 -1.11 -18.85
C GLY B 151 -7.06 -1.81 -20.12
N GLU B 152 -7.17 -3.14 -20.06
CA GLU B 152 -7.62 -3.97 -21.19
C GLU B 152 -9.03 -3.56 -21.64
N LYS B 153 -9.87 -3.11 -20.70
CA LYS B 153 -11.26 -2.71 -20.94
C LYS B 153 -11.38 -1.21 -21.23
N PHE B 154 -10.27 -0.43 -21.24
CA PHE B 154 -10.36 1.00 -21.58
C PHE B 154 -10.92 1.15 -23.00
N ASP B 155 -11.78 2.17 -23.20
CA ASP B 155 -12.45 2.50 -24.44
C ASP B 155 -11.43 2.51 -25.61
N LYS B 156 -11.58 1.56 -26.54
CA LYS B 156 -10.69 1.41 -27.71
C LYS B 156 -10.72 2.62 -28.66
N THR B 157 -11.79 3.44 -28.62
CA THR B 157 -11.94 4.62 -29.49
C THR B 157 -11.15 5.85 -28.97
N LYS B 158 -10.79 5.87 -27.67
CA LYS B 158 -10.10 7.00 -27.05
C LYS B 158 -8.57 6.89 -27.08
N LYS B 159 -7.86 8.03 -27.01
CA LYS B 159 -6.40 8.15 -27.04
C LYS B 159 -5.72 7.81 -25.71
N CYS B 160 -6.46 7.92 -24.57
CA CYS B 160 -5.95 7.80 -23.19
C CYS B 160 -4.86 8.86 -22.99
N ASN B 161 -5.20 10.10 -23.38
CA ASN B 161 -4.31 11.23 -23.23
C ASN B 161 -4.28 11.63 -21.74
N ILE B 162 -3.06 11.79 -21.18
CA ILE B 162 -2.86 12.13 -19.77
C ILE B 162 -2.27 13.50 -19.62
N GLN B 163 -2.98 14.36 -18.87
CA GLN B 163 -2.48 15.71 -18.62
C GLN B 163 -2.68 16.12 -17.19
N ASN B 164 -1.84 17.05 -16.72
CA ASN B 164 -1.95 17.71 -15.40
C ASN B 164 -2.17 16.75 -14.23
N ILE B 165 -1.20 15.84 -14.05
CA ILE B 165 -1.17 14.93 -12.87
C ILE B 165 -0.98 15.86 -11.66
N THR B 166 -1.94 15.87 -10.74
CA THR B 166 -1.94 16.84 -9.64
C THR B 166 -2.00 16.12 -8.32
N PHE B 167 -1.12 16.51 -7.39
CA PHE B 167 -1.03 15.92 -6.06
C PHE B 167 -1.49 16.89 -5.01
N LYS B 168 -2.42 16.47 -4.16
CA LYS B 168 -2.96 17.29 -3.09
C LYS B 168 -3.23 16.47 -1.86
N SER B 169 -2.95 17.04 -0.69
CA SER B 169 -3.35 16.47 0.58
C SER B 169 -4.84 16.82 0.75
N ASN B 170 -5.68 15.80 0.99
CA ASN B 170 -7.12 15.93 1.25
C ASN B 170 -7.87 16.80 0.22
N ASN B 171 -7.47 16.70 -1.05
CA ASN B 171 -8.02 17.48 -2.17
C ASN B 171 -8.00 19.00 -1.88
N ALA B 172 -7.09 19.44 -0.99
CA ALA B 172 -7.02 20.85 -0.59
C ALA B 172 -5.76 21.55 -1.08
N ASN B 173 -4.58 21.02 -0.74
CA ASN B 173 -3.32 21.69 -1.04
C ASN B 173 -2.15 20.73 -0.99
N PHE B 174 -0.93 21.25 -1.16
CA PHE B 174 0.30 20.45 -1.11
C PHE B 174 1.47 21.36 -0.86
N TYR B 175 2.46 20.88 -0.12
CA TYR B 175 3.67 21.68 0.07
C TYR B 175 4.61 21.46 -1.11
N LEU B 176 4.83 22.51 -1.93
CA LEU B 176 5.76 22.46 -3.07
C LEU B 176 7.17 22.58 -2.54
N THR B 177 7.36 23.36 -1.47
CA THR B 177 8.66 23.55 -0.80
C THR B 177 8.51 23.64 0.69
N ARG B 178 9.51 23.09 1.41
CA ARG B 178 9.63 23.14 2.86
C ARG B 178 11.08 23.32 3.22
N SER B 179 11.35 23.66 4.50
CA SER B 179 12.73 23.88 4.94
C SER B 179 13.28 22.64 5.65
N LEU B 180 14.62 22.48 5.64
CA LEU B 180 15.32 21.42 6.33
C LEU B 180 16.58 21.99 6.96
N ASP B 181 16.73 21.82 8.27
CA ASP B 181 17.93 22.24 8.98
C ASP B 181 18.79 20.99 9.16
N ILE B 182 19.93 20.93 8.46
CA ILE B 182 20.82 19.75 8.47
C ILE B 182 21.57 19.63 9.84
N ALA B 183 21.46 20.64 10.74
CA ALA B 183 22.08 20.64 12.08
C ALA B 183 21.03 20.24 13.14
N SER B 184 19.80 19.95 12.69
CA SER B 184 18.65 19.59 13.51
C SER B 184 18.19 18.17 13.20
N THR B 185 17.34 17.61 14.08
CA THR B 185 16.74 16.28 13.90
C THR B 185 15.22 16.40 13.61
N ALA B 186 14.72 17.65 13.43
CA ALA B 186 13.29 17.93 13.16
C ALA B 186 12.79 17.42 11.82
N GLY B 187 13.66 17.34 10.81
CA GLY B 187 13.24 16.97 9.46
C GLY B 187 12.52 18.15 8.81
N ALA B 188 11.78 17.90 7.71
CA ALA B 188 11.08 18.99 6.98
C ALA B 188 10.13 19.80 7.88
N THR B 189 10.24 21.14 7.79
CA THR B 189 9.40 22.05 8.57
C THR B 189 9.07 23.29 7.76
N GLY B 190 8.14 24.10 8.28
CA GLY B 190 7.74 25.34 7.65
C GLY B 190 7.16 25.14 6.26
N GLY B 191 7.34 26.17 5.42
CA GLY B 191 6.81 26.19 4.07
C GLY B 191 5.35 26.61 4.08
N SER B 192 4.78 26.80 2.88
CA SER B 192 3.39 27.14 2.71
C SER B 192 2.73 26.13 1.76
N ALA B 193 1.55 25.63 2.14
CA ALA B 193 0.81 24.66 1.33
C ALA B 193 0.08 25.39 0.20
N VAL B 194 0.34 24.98 -1.04
CA VAL B 194 -0.21 25.60 -2.25
C VAL B 194 -1.53 24.90 -2.66
N ALA B 195 -2.62 25.68 -2.79
CA ALA B 195 -3.96 25.18 -3.15
C ALA B 195 -4.00 24.45 -4.50
N ALA B 196 -3.14 24.83 -5.46
CA ALA B 196 -3.08 24.17 -6.76
C ALA B 196 -2.44 22.77 -6.70
N GLY B 197 -1.75 22.47 -5.62
CA GLY B 197 -1.01 21.23 -5.45
C GLY B 197 0.23 21.20 -6.32
N TYR B 198 0.85 20.04 -6.38
CA TYR B 198 2.00 19.80 -7.25
C TYR B 198 1.45 19.29 -8.58
N VAL B 199 1.82 19.95 -9.69
CA VAL B 199 1.30 19.61 -11.02
C VAL B 199 2.43 19.18 -11.95
N HIS B 200 2.29 18.03 -12.57
CA HIS B 200 3.21 17.49 -13.56
C HIS B 200 2.39 17.20 -14.82
N ASN B 201 2.68 17.88 -15.93
CA ASN B 201 1.89 17.70 -17.15
C ASN B 201 2.72 16.96 -18.24
N PRO B 202 2.72 15.61 -18.27
CA PRO B 202 3.49 14.91 -19.31
C PRO B 202 2.86 15.00 -20.70
N ASN B 203 1.54 15.23 -20.77
CA ASN B 203 0.76 15.28 -22.00
C ASN B 203 1.13 14.10 -22.92
N VAL B 204 0.83 12.89 -22.47
CA VAL B 204 1.18 11.68 -23.23
C VAL B 204 -0.06 10.86 -23.51
N ASN B 205 -0.07 10.14 -24.65
CA ASN B 205 -1.12 9.20 -25.03
C ASN B 205 -0.65 7.80 -24.66
N ILE B 206 -1.46 7.08 -23.86
CA ILE B 206 -1.07 5.75 -23.47
C ILE B 206 -1.72 4.82 -24.47
N ALA B 207 -0.90 4.09 -25.25
CA ALA B 207 -1.41 3.12 -26.22
C ALA B 207 -1.94 1.85 -25.52
N THR B 208 -2.73 1.04 -26.25
CA THR B 208 -3.33 -0.21 -25.79
C THR B 208 -2.36 -1.07 -25.00
N GLY B 209 -2.79 -1.44 -23.79
CA GLY B 209 -2.05 -2.29 -22.86
C GLY B 209 -0.74 -1.77 -22.33
N LYS B 210 -0.42 -0.48 -22.59
CA LYS B 210 0.85 0.10 -22.16
C LYS B 210 0.69 0.85 -20.86
N SER B 211 1.83 1.20 -20.28
CA SER B 211 1.95 1.95 -19.04
C SER B 211 3.04 2.97 -19.16
N VAL B 212 2.95 3.99 -18.32
CA VAL B 212 3.98 5.01 -18.17
CA VAL B 212 4.00 5.02 -18.17
C VAL B 212 4.23 5.16 -16.66
N THR B 213 5.50 5.31 -16.26
CA THR B 213 5.91 5.47 -14.86
C THR B 213 6.72 6.76 -14.68
N TYR B 214 6.36 7.54 -13.64
CA TYR B 214 7.03 8.76 -13.27
C TYR B 214 7.49 8.63 -11.85
N GLU B 215 8.67 9.14 -11.59
CA GLU B 215 9.32 9.13 -10.28
C GLU B 215 9.38 10.55 -9.75
N TYR B 216 8.87 10.74 -8.54
CA TYR B 216 8.85 12.05 -7.87
C TYR B 216 9.61 12.00 -6.54
N PHE B 218 9.22 14.31 -2.93
CA PHE B 218 8.39 15.33 -2.32
C PHE B 218 8.86 15.69 -0.94
N PRO B 219 8.68 16.95 -0.51
CA PRO B 219 9.01 17.27 0.89
C PRO B 219 8.08 16.49 1.79
N PRO B 220 8.59 15.80 2.85
CA PRO B 220 7.69 15.12 3.77
C PRO B 220 6.67 16.13 4.32
N GLN B 221 5.41 15.70 4.42
CA GLN B 221 4.31 16.58 4.80
C GLN B 221 3.10 15.79 5.25
N PRO B 222 2.15 16.42 5.99
CA PRO B 222 0.95 15.68 6.40
C PRO B 222 0.01 15.37 5.24
N LEU B 223 -0.76 14.29 5.38
CA LEU B 223 -1.82 13.94 4.46
C LEU B 223 -3.06 14.13 5.26
N ASP B 224 -3.58 15.37 5.21
CA ASP B 224 -4.76 15.77 5.97
C ASP B 224 -5.92 14.90 5.52
N GLY B 225 -6.72 14.46 6.47
CA GLY B 225 -7.81 13.51 6.22
C GLY B 225 -7.25 12.13 5.90
N SER B 226 -5.93 11.84 6.22
CA SER B 226 -5.19 10.62 5.86
CA SER B 226 -5.21 10.59 5.88
C SER B 226 -5.36 10.33 4.36
N LYS B 227 -5.48 11.40 3.59
CA LYS B 227 -5.77 11.29 2.19
C LYS B 227 -4.82 12.01 1.24
N LEU B 228 -4.29 11.25 0.28
CA LEU B 228 -3.57 11.83 -0.85
C LEU B 228 -4.53 11.79 -2.04
N THR B 229 -4.83 12.95 -2.61
CA THR B 229 -5.67 13.03 -3.78
C THR B 229 -4.79 13.16 -5.01
N ILE B 230 -5.06 12.36 -6.03
CA ILE B 230 -4.35 12.51 -7.30
C ILE B 230 -5.39 12.87 -8.34
N LEU B 231 -5.20 14.01 -9.02
CA LEU B 231 -6.08 14.41 -10.11
C LEU B 231 -5.36 14.14 -11.39
N VAL B 232 -6.07 13.61 -12.39
CA VAL B 232 -5.50 13.33 -13.72
CA VAL B 232 -5.52 13.34 -13.72
C VAL B 232 -6.56 13.73 -14.73
N THR B 233 -6.14 14.45 -15.79
CA THR B 233 -7.09 14.84 -16.86
C THR B 233 -6.91 13.78 -17.96
N VAL B 234 -7.93 12.92 -18.11
CA VAL B 234 -7.93 11.80 -19.04
C VAL B 234 -8.80 12.16 -20.23
N ASP B 235 -8.16 12.31 -21.39
CA ASP B 235 -8.85 12.68 -22.64
C ASP B 235 -9.74 13.91 -22.41
N GLY B 236 -9.18 14.90 -21.70
CA GLY B 236 -9.84 16.17 -21.40
C GLY B 236 -10.77 16.18 -20.20
N VAL B 237 -11.01 15.03 -19.56
CA VAL B 237 -11.93 14.96 -18.43
C VAL B 237 -11.11 14.89 -17.16
N THR B 238 -11.35 15.84 -16.23
CA THR B 238 -10.62 15.84 -14.95
C THR B 238 -11.21 14.79 -14.00
N ARG B 239 -10.37 13.81 -13.61
CA ARG B 239 -10.67 12.69 -12.72
C ARG B 239 -9.93 12.86 -11.42
N SER B 240 -10.54 12.43 -10.31
CA SER B 240 -9.95 12.56 -8.99
C SER B 240 -9.93 11.21 -8.30
N CYS B 241 -8.81 10.86 -7.66
CA CYS B 241 -8.62 9.60 -6.95
CA CYS B 241 -8.63 9.60 -6.97
C CYS B 241 -8.18 9.88 -5.53
N ASP B 242 -8.95 9.40 -4.54
CA ASP B 242 -8.54 9.59 -3.15
C ASP B 242 -7.81 8.35 -2.70
N ILE B 243 -6.58 8.52 -2.17
CA ILE B 243 -5.76 7.43 -1.66
C ILE B 243 -5.65 7.63 -0.14
N SER B 244 -6.27 6.71 0.62
CA SER B 244 -6.37 6.76 2.06
C SER B 244 -5.51 5.70 2.71
N THR B 245 -4.69 4.98 1.91
CA THR B 245 -3.88 3.88 2.45
C THR B 245 -2.35 4.16 2.36
N LEU B 246 -1.94 5.42 2.47
CA LEU B 246 -0.50 5.70 2.44
C LEU B 246 -0.01 6.17 3.80
N GLY B 247 -0.87 6.17 4.79
CA GLY B 247 -0.49 6.66 6.11
C GLY B 247 -1.00 8.08 6.30
N SER B 248 -0.77 8.67 7.48
CA SER B 248 -1.28 10.02 7.74
CA SER B 248 -1.25 10.02 7.81
C SER B 248 -0.29 11.15 7.33
N SER B 249 0.86 10.78 6.74
CA SER B 249 1.84 11.74 6.25
C SER B 249 2.76 11.08 5.24
N LEU B 250 3.38 11.88 4.37
CA LEU B 250 4.43 11.39 3.48
C LEU B 250 5.72 11.54 4.29
N ASP B 251 6.41 10.46 4.63
CA ASP B 251 7.57 10.58 5.52
C ASP B 251 8.90 10.45 4.81
N SER B 252 9.93 11.09 5.38
CA SER B 252 11.29 11.04 4.85
C SER B 252 11.80 9.59 4.85
N GLY B 253 12.51 9.22 3.78
CA GLY B 253 13.09 7.89 3.70
C GLY B 253 12.14 6.74 3.39
N LYS B 254 10.82 7.04 3.19
CA LYS B 254 9.84 6.01 2.83
C LYS B 254 9.62 6.08 1.36
N TYR B 255 9.19 4.96 0.74
CA TYR B 255 8.97 4.98 -0.69
C TYR B 255 7.51 4.66 -0.92
N TYR B 256 6.83 5.57 -1.59
CA TYR B 256 5.40 5.49 -1.90
C TYR B 256 5.23 5.04 -3.31
N GLY B 257 4.19 4.25 -3.55
CA GLY B 257 3.88 3.77 -4.89
C GLY B 257 2.41 3.97 -5.16
N VAL B 258 2.06 4.56 -6.31
CA VAL B 258 0.66 4.72 -6.72
C VAL B 258 0.53 4.22 -8.14
N SER B 259 -0.40 3.31 -8.37
CA SER B 259 -0.66 2.80 -9.70
CA SER B 259 -0.66 2.77 -9.70
C SER B 259 -2.12 3.02 -10.04
N LEU B 260 -2.37 3.68 -11.18
CA LEU B 260 -3.72 3.95 -11.67
C LEU B 260 -3.92 3.24 -12.98
N THR B 261 -4.90 2.31 -13.02
CA THR B 261 -5.28 1.59 -14.22
C THR B 261 -6.65 2.14 -14.65
N PHE B 262 -6.69 2.70 -15.85
CA PHE B 262 -7.91 3.28 -16.43
C PHE B 262 -8.70 2.18 -17.09
N THR B 263 -9.93 1.95 -16.61
CA THR B 263 -10.76 0.87 -17.15
C THR B 263 -11.89 1.48 -17.98
N ASP B 264 -12.93 0.68 -18.24
CA ASP B 264 -14.15 1.07 -18.97
C ASP B 264 -15.07 1.89 -18.12
N VAL B 265 -15.00 1.71 -16.76
CA VAL B 265 -15.94 2.33 -15.83
C VAL B 265 -15.27 3.15 -14.73
N GLY B 266 -13.95 3.08 -14.63
CA GLY B 266 -13.25 3.83 -13.60
C GLY B 266 -11.75 3.65 -13.55
N ILE B 267 -11.23 3.67 -12.34
CA ILE B 267 -9.81 3.57 -12.10
C ILE B 267 -9.55 2.50 -11.05
N ILE B 268 -8.65 1.57 -11.35
CA ILE B 268 -8.18 0.58 -10.40
C ILE B 268 -7.01 1.27 -9.73
N LEU B 269 -7.11 1.46 -8.41
CA LEU B 269 -6.08 2.15 -7.64
C LEU B 269 -5.28 1.15 -6.78
N SER B 270 -3.96 1.11 -6.97
CA SER B 270 -3.06 0.26 -6.20
C SER B 270 -2.07 1.19 -5.48
N SER B 271 -2.05 1.15 -4.13
CA SER B 271 -1.17 2.04 -3.37
C SER B 271 -0.16 1.22 -2.64
N ALA B 272 1.04 1.74 -2.42
CA ALA B 272 2.05 0.97 -1.69
C ALA B 272 2.91 1.88 -0.85
N VAL B 273 3.32 1.41 0.33
CA VAL B 273 4.24 2.13 1.21
C VAL B 273 5.38 1.16 1.54
N VAL B 274 6.63 1.57 1.29
CA VAL B 274 7.82 0.75 1.62
C VAL B 274 8.59 1.46 2.73
N THR B 275 8.82 0.77 3.86
CA THR B 275 9.58 1.35 4.97
C THR B 275 10.61 0.34 5.49
N VAL B 276 11.55 0.80 6.35
CA VAL B 276 12.56 -0.05 6.99
C VAL B 276 12.30 -0.06 8.48
N ASN B 277 12.13 -1.27 9.05
CA ASN B 277 11.89 -1.46 10.47
C ASN B 277 13.04 -2.34 11.00
N ASN B 278 14.04 -1.68 11.59
CA ASN B 278 15.23 -2.34 12.10
C ASN B 278 15.09 -2.72 13.57
N PHE B 279 15.58 -3.92 13.91
CA PHE B 279 15.59 -4.46 15.28
C PHE B 279 16.60 -3.71 16.15
#